data_3UM3
#
_entry.id   3UM3
#
_cell.length_a   138.156
_cell.length_b   138.156
_cell.length_c   373.779
_cell.angle_alpha   90.00
_cell.angle_beta   90.00
_cell.angle_gamma   120.00
#
_symmetry.space_group_name_H-M   'P 61 2 2'
#
loop_
_entity.id
_entity.type
_entity.pdbx_description
1 polymer 'BRO1 domain-containing protein BROX'
2 polymer 'Charged multivesicular body protein 4b'
#
loop_
_entity_poly.entity_id
_entity_poly.type
_entity_poly.pdbx_seq_one_letter_code
_entity_poly.pdbx_strand_id
1 'polypeptide(L)'
;DTHWFHRNPLKATAPVSFNYYGVVTGPSASKICNDLRSSRARLLELFTDLSCNPEMMKNAADSYFSLLQGFINSLDESTQ
ESKLRYIQNFKWTDTLQGQVPSAQQDAVFELISMGFNVALWYTKYASRLAGKENITEDEAKEVHRSLKIAAGIFKHLKES
HLPKLITPAEKGRDLESRLIEAYVIQCQAEAQEVTIARAIELKHAPGLIAALAYETANFYQKADHTLSSLEPAYSAKWRK
YLHLKMCFYTAYAYCYHGETLLASDKCGEAIRSLQEAEKLYAKAEALCKEYGETKGPGPTVKPSGHLFFRKLGNLVKNTL
EKCQRENGFIYFQKIPTEAPQLELKANYGLVEPIPFEFPPTSVQWTPETLAAFDLTKRPKDDSTKPKPEEEVKPVKEPDI
KPQKDTGCYIS
;
A
2 'polypeptide(L)'
;DNMDIDKVDELMQDIADQQELAEEISTAISKPVGFGEEFDEDELMAELEELEQEELDKNLLEISGPETVPLPNVPSIALP
SKPAKKKEEEDDDMKELENWAGSM
;
B
#
# COMPACT_ATOMS: atom_id res chain seq x y z
N ASP A 1 -11.60 -12.94 -8.87
CA ASP A 1 -12.29 -11.79 -8.31
C ASP A 1 -11.83 -11.51 -6.87
N THR A 2 -10.82 -12.24 -6.39
CA THR A 2 -10.27 -12.02 -5.04
C THR A 2 -8.76 -11.70 -5.11
N HIS A 3 -8.20 -11.02 -4.12
CA HIS A 3 -6.77 -10.77 -4.16
C HIS A 3 -6.13 -11.16 -2.84
N TRP A 4 -4.84 -11.49 -2.90
CA TRP A 4 -4.11 -11.80 -1.69
C TRP A 4 -2.98 -10.80 -1.56
N PHE A 5 -3.00 -10.02 -0.48
CA PHE A 5 -1.98 -9.02 -0.23
C PHE A 5 -1.28 -9.40 1.06
N HIS A 6 0.01 -9.69 0.99
CA HIS A 6 0.79 -9.92 2.19
C HIS A 6 0.70 -8.69 3.09
N ARG A 7 0.49 -8.89 4.39
CA ARG A 7 0.46 -7.77 5.33
C ARG A 7 1.42 -8.05 6.48
N ASN A 8 2.27 -7.08 6.76
CA ASN A 8 3.06 -7.07 7.98
C ASN A 8 2.22 -6.68 9.20
N PRO A 9 2.74 -6.91 10.41
CA PRO A 9 1.91 -6.62 11.59
C PRO A 9 1.70 -5.12 11.77
N LEU A 10 0.61 -4.71 12.41
CA LEU A 10 0.46 -3.33 12.84
C LEU A 10 1.52 -2.97 13.87
N LYS A 11 1.79 -1.67 14.00
CA LYS A 11 2.71 -1.22 15.03
C LYS A 11 1.92 -1.13 16.34
N ALA A 12 2.59 -1.34 17.46
CA ALA A 12 1.93 -1.19 18.76
C ALA A 12 2.64 -0.08 19.51
N THR A 13 1.93 0.54 20.44
CA THR A 13 2.51 1.62 21.22
C THR A 13 2.16 1.55 22.69
N ALA A 14 3.03 2.12 23.52
CA ALA A 14 2.76 2.30 24.93
C ALA A 14 1.56 3.20 25.08
N PRO A 15 0.63 2.84 25.96
CA PRO A 15 -0.50 3.74 26.20
C PRO A 15 0.10 5.01 26.79
N VAL A 16 -0.50 6.15 26.49
CA VAL A 16 0.10 7.42 26.87
C VAL A 16 -0.97 8.13 27.67
N SER A 17 -0.57 8.53 28.87
CA SER A 17 -1.49 9.15 29.78
C SER A 17 -1.76 10.65 29.64
N PHE A 18 -0.81 11.35 29.03
CA PHE A 18 -0.86 12.81 29.00
C PHE A 18 -1.04 13.34 30.42
N ASN A 19 -0.34 12.78 31.41
CA ASN A 19 -0.42 13.36 32.75
C ASN A 19 0.83 14.16 33.09
N TYR A 20 0.68 15.46 33.16
CA TYR A 20 1.82 16.28 33.52
C TYR A 20 1.87 16.75 34.97
N TYR A 21 0.92 16.30 35.77
CA TYR A 21 1.01 16.60 37.20
C TYR A 21 1.21 18.10 37.44
N GLY A 22 2.06 18.46 38.40
CA GLY A 22 2.20 19.86 38.77
C GLY A 22 2.34 20.84 37.62
N VAL A 23 2.81 20.38 36.47
CA VAL A 23 2.90 21.27 35.31
C VAL A 23 1.55 21.88 34.98
N VAL A 24 0.58 21.05 34.67
CA VAL A 24 -0.70 21.58 34.23
C VAL A 24 -1.39 22.29 35.38
N THR A 25 -1.81 23.54 35.18
CA THR A 25 -2.54 24.21 36.25
C THR A 25 -3.76 24.84 35.65
N GLY A 26 -4.88 24.15 35.75
CA GLY A 26 -6.14 24.74 35.36
C GLY A 26 -7.06 23.71 34.75
N PRO A 27 -8.35 23.98 34.82
CA PRO A 27 -9.43 23.09 34.39
C PRO A 27 -9.25 22.78 32.91
N SER A 28 -8.89 23.83 32.18
CA SER A 28 -8.80 23.80 30.72
C SER A 28 -7.62 23.00 30.16
N ALA A 29 -6.45 23.17 30.76
CA ALA A 29 -5.30 22.37 30.36
C ALA A 29 -5.51 20.89 30.70
N SER A 30 -6.11 20.61 31.85
CA SER A 30 -6.44 19.24 32.24
C SER A 30 -7.40 18.55 31.30
N LYS A 31 -8.42 19.28 30.86
CA LYS A 31 -9.43 18.74 29.95
C LYS A 31 -8.79 18.34 28.64
N ILE A 32 -7.86 19.15 28.16
CA ILE A 32 -7.28 18.89 26.86
C ILE A 32 -6.41 17.65 26.96
N CYS A 33 -5.76 17.46 28.10
CA CYS A 33 -5.02 16.22 28.33
C CYS A 33 -5.91 14.97 28.31
N ASN A 34 -7.07 15.04 28.98
CA ASN A 34 -8.01 13.92 28.94
C ASN A 34 -8.53 13.64 27.56
N ASP A 35 -8.80 14.69 26.81
CA ASP A 35 -9.29 14.52 25.45
C ASP A 35 -8.25 13.91 24.54
N LEU A 36 -6.99 14.33 24.69
CA LEU A 36 -5.90 13.67 24.00
C LEU A 36 -5.79 12.20 24.38
N ARG A 37 -5.80 11.92 25.68
CA ARG A 37 -5.63 10.55 26.16
C ARG A 37 -6.73 9.65 25.61
N SER A 38 -7.97 10.11 25.68
CA SER A 38 -9.12 9.28 25.31
C SER A 38 -9.30 9.14 23.82
N SER A 39 -8.97 10.20 23.07
CA SER A 39 -9.05 10.12 21.63
C SER A 39 -7.99 9.18 21.09
N ARG A 40 -6.82 9.18 21.72
CA ARG A 40 -5.76 8.26 21.34
C ARG A 40 -6.19 6.83 21.61
N ALA A 41 -6.74 6.60 22.80
CA ALA A 41 -7.14 5.26 23.18
C ALA A 41 -8.19 4.68 22.26
N ARG A 42 -9.16 5.52 21.90
CA ARG A 42 -10.24 5.11 21.01
C ARG A 42 -9.69 4.76 19.62
N LEU A 43 -8.77 5.58 19.14
CA LEU A 43 -8.11 5.33 17.85
C LEU A 43 -7.35 4.02 17.83
N LEU A 44 -6.61 3.76 18.90
CA LEU A 44 -5.82 2.55 18.97
C LEU A 44 -6.73 1.34 18.93
N GLU A 45 -7.87 1.44 19.61
CA GLU A 45 -8.80 0.33 19.67
C GLU A 45 -9.33 -0.01 18.27
N LEU A 46 -9.52 1.01 17.43
CA LEU A 46 -10.08 0.73 16.12
C LEU A 46 -9.16 -0.13 15.26
N PHE A 47 -7.85 -0.03 15.48
CA PHE A 47 -6.89 -0.72 14.63
C PHE A 47 -7.16 -2.21 14.65
N THR A 48 -7.58 -2.71 15.81
CA THR A 48 -7.92 -4.11 15.97
C THR A 48 -9.41 -4.43 15.98
N ASP A 49 -10.23 -3.43 15.71
CA ASP A 49 -11.67 -3.59 15.79
C ASP A 49 -12.13 -4.07 14.41
N LEU A 50 -12.93 -5.13 14.37
CA LEU A 50 -13.34 -5.71 13.10
C LEU A 50 -14.56 -5.04 12.49
N SER A 51 -15.26 -4.27 13.31
CA SER A 51 -16.44 -3.53 12.84
C SER A 51 -16.03 -2.17 12.28
N CYS A 52 -14.74 -1.86 12.37
CA CYS A 52 -14.24 -0.57 11.94
C CYS A 52 -14.37 -0.44 10.43
N ASN A 53 -14.82 0.73 9.97
CA ASN A 53 -14.82 1.02 8.54
C ASN A 53 -13.99 2.26 8.24
N PRO A 54 -13.84 2.60 6.96
CA PRO A 54 -12.99 3.76 6.66
C PRO A 54 -13.49 5.04 7.29
N GLU A 55 -14.80 5.21 7.39
CA GLU A 55 -15.37 6.39 8.03
C GLU A 55 -15.01 6.56 9.50
N MET A 56 -15.11 5.48 10.27
CA MET A 56 -14.77 5.48 11.68
C MET A 56 -13.30 5.81 11.88
N MET A 57 -12.45 5.20 11.07
CA MET A 57 -11.02 5.42 11.19
C MET A 57 -10.75 6.91 11.00
N LYS A 58 -11.32 7.50 9.95
CA LYS A 58 -11.04 8.90 9.64
C LYS A 58 -11.55 9.78 10.77
N ASN A 59 -12.72 9.41 11.26
CA ASN A 59 -13.40 10.15 12.32
C ASN A 59 -12.62 10.14 13.63
N ALA A 60 -12.19 8.95 14.04
CA ALA A 60 -11.40 8.78 15.25
C ALA A 60 -10.01 9.36 15.08
N ALA A 61 -9.45 9.19 13.89
CA ALA A 61 -8.10 9.68 13.58
C ALA A 61 -8.05 11.21 13.59
N ASP A 62 -9.02 11.83 12.93
CA ASP A 62 -9.06 13.29 12.91
C ASP A 62 -9.18 13.82 14.32
N SER A 63 -10.06 13.19 15.10
CA SER A 63 -10.29 13.59 16.47
C SER A 63 -8.97 13.65 17.26
N TYR A 64 -8.18 12.58 17.17
CA TYR A 64 -6.88 12.54 17.83
C TYR A 64 -5.84 13.46 17.22
N PHE A 65 -5.65 13.39 15.91
CA PHE A 65 -4.58 14.17 15.29
C PHE A 65 -4.79 15.66 15.49
N SER A 66 -6.04 16.10 15.44
CA SER A 66 -6.33 17.51 15.67
C SER A 66 -5.94 17.98 17.07
N LEU A 67 -6.09 17.12 18.06
CA LEU A 67 -5.70 17.45 19.42
C LEU A 67 -4.18 17.37 19.51
N LEU A 68 -3.63 16.31 18.94
CA LEU A 68 -2.20 16.05 18.99
C LEU A 68 -1.46 17.19 18.30
N GLN A 69 -2.12 17.78 17.32
CA GLN A 69 -1.51 18.85 16.53
C GLN A 69 -1.16 20.08 17.37
N GLY A 70 -1.75 20.19 18.55
CA GLY A 70 -1.42 21.24 19.50
C GLY A 70 -0.04 21.12 20.11
N PHE A 71 0.51 19.91 20.08
CA PHE A 71 1.88 19.67 20.52
C PHE A 71 2.92 19.98 19.45
N ILE A 72 2.48 20.30 18.25
CA ILE A 72 3.41 20.42 17.14
C ILE A 72 3.35 21.83 16.56
N ASN A 73 2.18 22.22 16.08
CA ASN A 73 2.03 23.53 15.44
C ASN A 73 1.88 24.67 16.43
N SER A 74 2.45 25.80 16.06
CA SER A 74 2.24 27.06 16.74
C SER A 74 0.81 27.48 16.40
N LEU A 75 0.19 28.22 17.31
CA LEU A 75 -1.13 28.79 17.08
C LEU A 75 -1.16 30.04 16.18
N ASP A 76 -0.03 30.73 16.08
CA ASP A 76 0.01 32.03 15.38
C ASP A 76 1.12 32.03 14.31
N GLU A 77 2.36 31.85 14.73
CA GLU A 77 3.48 31.87 13.79
C GLU A 77 3.60 30.54 13.05
N SER A 78 3.62 30.57 11.73
CA SER A 78 3.78 29.35 10.93
C SER A 78 5.24 28.87 10.96
N THR A 79 6.11 29.78 11.44
CA THR A 79 7.55 29.57 11.60
C THR A 79 7.92 29.08 13.00
N GLN A 80 6.93 28.97 13.87
CA GLN A 80 7.17 28.57 15.25
C GLN A 80 6.58 27.19 15.49
N GLU A 81 6.79 26.67 16.69
CA GLU A 81 6.31 25.35 17.02
C GLU A 81 5.82 25.35 18.45
N SER A 82 4.94 24.42 18.78
CA SER A 82 4.40 24.35 20.11
C SER A 82 5.54 24.14 21.11
N LYS A 83 5.45 24.88 22.22
CA LYS A 83 6.37 24.71 23.33
C LYS A 83 6.24 23.33 23.94
N LEU A 84 5.19 22.61 23.54
CA LEU A 84 4.88 21.32 24.14
C LEU A 84 5.46 20.14 23.37
N ARG A 85 6.24 20.42 22.31
CA ARG A 85 6.67 19.34 21.41
C ARG A 85 7.38 18.22 22.15
N TYR A 86 8.19 18.61 23.12
CA TYR A 86 9.02 17.66 23.82
C TYR A 86 8.50 17.21 25.18
N ILE A 87 7.27 17.59 25.52
CA ILE A 87 6.75 17.33 26.84
C ILE A 87 6.47 15.85 27.09
N GLN A 88 6.22 15.09 26.03
CA GLN A 88 5.70 13.74 26.20
C GLN A 88 6.53 12.73 25.42
N ASN A 89 6.93 11.66 26.11
CA ASN A 89 7.61 10.53 25.50
C ASN A 89 6.64 9.56 24.84
N PHE A 90 6.95 9.13 23.62
CA PHE A 90 6.12 8.14 22.92
C PHE A 90 6.93 6.93 22.49
N LYS A 91 6.34 5.74 22.60
CA LYS A 91 7.10 4.49 22.41
C LYS A 91 6.32 3.59 21.45
N TRP A 92 7.01 3.08 20.43
CA TRP A 92 6.37 2.35 19.34
C TRP A 92 7.24 1.18 18.91
N THR A 93 6.59 0.08 18.51
CA THR A 93 7.25 -1.01 17.81
C THR A 93 7.30 -0.71 16.33
N ASP A 94 7.96 -1.57 15.57
CA ASP A 94 8.22 -1.31 14.17
C ASP A 94 7.84 -2.53 13.37
N THR A 95 7.42 -2.32 12.12
CA THR A 95 6.84 -3.38 11.32
C THR A 95 7.71 -4.61 11.08
N LEU A 96 9.01 -4.41 10.93
CA LEU A 96 9.93 -5.53 10.71
C LEU A 96 10.66 -5.94 11.98
N GLN A 97 10.46 -5.19 13.05
CA GLN A 97 11.29 -5.32 14.24
C GLN A 97 10.69 -6.18 15.34
N GLY A 98 9.52 -6.75 15.07
CA GLY A 98 8.86 -7.57 16.06
C GLY A 98 8.44 -6.75 17.25
N GLN A 99 8.75 -7.23 18.44
CA GLN A 99 8.28 -6.60 19.67
C GLN A 99 9.32 -5.62 20.18
N VAL A 100 10.39 -5.44 19.39
CA VAL A 100 11.50 -4.60 19.81
C VAL A 100 11.06 -3.17 19.66
N PRO A 101 10.88 -2.45 20.77
CA PRO A 101 10.31 -1.13 20.55
C PRO A 101 11.37 -0.09 20.27
N SER A 102 10.93 1.12 19.98
CA SER A 102 11.83 2.24 19.82
C SER A 102 11.06 3.43 20.36
N ALA A 103 11.76 4.40 20.95
CA ALA A 103 11.04 5.47 21.62
C ALA A 103 11.68 6.78 21.23
N GLN A 104 10.88 7.84 21.13
CA GLN A 104 11.43 9.18 21.05
C GLN A 104 10.59 10.07 21.94
N GLN A 105 11.18 11.05 22.58
CA GLN A 105 10.35 12.01 23.28
C GLN A 105 10.06 13.22 22.39
N ASP A 106 9.24 13.02 21.36
CA ASP A 106 8.99 14.07 20.39
C ASP A 106 7.57 13.88 19.88
N ALA A 107 6.74 14.90 19.94
CA ALA A 107 5.35 14.74 19.53
C ALA A 107 5.25 14.53 18.02
N VAL A 108 6.25 15.02 17.29
CA VAL A 108 6.30 14.78 15.85
C VAL A 108 6.51 13.30 15.55
N PHE A 109 7.31 12.64 16.37
CA PHE A 109 7.51 11.20 16.28
C PHE A 109 6.22 10.42 16.43
N GLU A 110 5.38 10.87 17.36
CA GLU A 110 4.10 10.24 17.58
C GLU A 110 3.19 10.45 16.37
N LEU A 111 3.13 11.67 15.88
CA LEU A 111 2.26 11.97 14.75
C LEU A 111 2.59 11.09 13.55
N ILE A 112 3.87 10.95 13.24
CA ILE A 112 4.28 10.12 12.10
C ILE A 112 4.02 8.65 12.39
N SER A 113 4.34 8.21 13.60
CA SER A 113 4.18 6.80 13.95
C SER A 113 2.71 6.37 13.94
N MET A 114 1.85 7.20 14.54
CA MET A 114 0.43 6.89 14.57
C MET A 114 -0.19 6.98 13.19
N GLY A 115 0.24 7.98 12.41
CA GLY A 115 -0.26 8.13 11.06
C GLY A 115 0.11 6.94 10.21
N PHE A 116 1.31 6.43 10.44
CA PHE A 116 1.79 5.26 9.75
C PHE A 116 0.90 4.07 10.06
N ASN A 117 0.44 3.97 11.30
CA ASN A 117 -0.44 2.87 11.65
C ASN A 117 -1.82 3.06 11.02
N VAL A 118 -2.27 4.31 10.90
CA VAL A 118 -3.52 4.57 10.20
C VAL A 118 -3.43 4.13 8.75
N ALA A 119 -2.33 4.47 8.10
CA ALA A 119 -2.10 3.99 6.73
C ALA A 119 -2.13 2.47 6.59
N LEU A 120 -1.44 1.76 7.50
CA LEU A 120 -1.43 0.30 7.49
C LEU A 120 -2.81 -0.26 7.68
N TRP A 121 -3.59 0.40 8.54
CA TRP A 121 -4.94 -0.05 8.77
C TRP A 121 -5.69 -0.05 7.47
N TYR A 122 -5.54 1.01 6.69
CA TYR A 122 -6.21 1.06 5.41
C TYR A 122 -5.77 -0.06 4.46
N THR A 123 -4.48 -0.40 4.47
CA THR A 123 -4.00 -1.49 3.62
C THR A 123 -4.54 -2.83 4.09
N LYS A 124 -4.77 -2.95 5.40
CA LYS A 124 -5.34 -4.16 5.94
C LYS A 124 -6.85 -4.24 5.77
N TYR A 125 -7.52 -3.10 5.82
CA TYR A 125 -8.93 -3.05 5.48
C TYR A 125 -9.16 -3.46 4.04
N ALA A 126 -8.33 -2.92 3.14
CA ALA A 126 -8.35 -3.31 1.73
C ALA A 126 -8.13 -4.79 1.49
N SER A 127 -7.10 -5.36 2.13
CA SER A 127 -6.74 -6.76 1.89
C SER A 127 -7.78 -7.72 2.45
N ARG A 128 -8.46 -7.33 3.53
CA ARG A 128 -9.56 -8.13 4.08
C ARG A 128 -10.71 -8.23 3.06
N LEU A 129 -11.16 -7.08 2.54
CA LEU A 129 -12.18 -7.07 1.48
C LEU A 129 -11.74 -7.89 0.27
N ALA A 130 -10.48 -7.76 -0.12
CA ALA A 130 -10.00 -8.40 -1.34
C ALA A 130 -10.04 -9.91 -1.21
N GLY A 131 -10.06 -10.41 0.03
CA GLY A 131 -10.08 -11.84 0.23
C GLY A 131 -11.44 -12.50 0.31
N LYS A 132 -12.52 -11.72 0.26
CA LYS A 132 -13.86 -12.29 0.38
C LYS A 132 -14.25 -12.95 -0.93
N GLU A 133 -14.58 -14.24 -0.88
CA GLU A 133 -14.96 -14.94 -2.10
C GLU A 133 -16.18 -14.27 -2.77
N ASN A 134 -17.03 -13.70 -1.92
CA ASN A 134 -18.25 -12.99 -2.33
C ASN A 134 -18.09 -11.51 -2.62
N ILE A 135 -16.84 -11.05 -2.67
CA ILE A 135 -16.60 -9.63 -2.80
C ILE A 135 -17.46 -9.06 -3.90
N THR A 136 -18.04 -7.89 -3.62
CA THR A 136 -18.94 -7.26 -4.55
C THR A 136 -18.15 -6.21 -5.28
N GLU A 137 -18.81 -5.58 -6.23
CA GLU A 137 -18.17 -4.55 -7.03
C GLU A 137 -17.75 -3.33 -6.25
N ASP A 138 -18.61 -2.92 -5.34
CA ASP A 138 -18.38 -1.78 -4.49
C ASP A 138 -17.23 -2.06 -3.53
N GLU A 139 -17.15 -3.31 -3.06
CA GLU A 139 -16.07 -3.68 -2.16
C GLU A 139 -14.71 -3.63 -2.86
N ALA A 140 -14.65 -4.09 -4.10
CA ALA A 140 -13.41 -4.02 -4.87
C ALA A 140 -12.94 -2.59 -5.06
N LYS A 141 -13.88 -1.70 -5.38
CA LYS A 141 -13.60 -0.29 -5.56
C LYS A 141 -13.05 0.30 -4.27
N GLU A 142 -13.65 -0.14 -3.16
CA GLU A 142 -13.22 0.30 -1.83
C GLU A 142 -11.82 -0.21 -1.53
N VAL A 143 -11.50 -1.42 -2.00
CA VAL A 143 -10.15 -1.96 -1.84
C VAL A 143 -9.18 -1.02 -2.52
N HIS A 144 -9.51 -0.67 -3.77
CA HIS A 144 -8.69 0.21 -4.58
C HIS A 144 -8.53 1.57 -3.90
N ARG A 145 -9.65 2.14 -3.46
CA ARG A 145 -9.63 3.45 -2.84
C ARG A 145 -8.79 3.42 -1.57
N SER A 146 -9.02 2.40 -0.76
CA SER A 146 -8.35 2.30 0.51
C SER A 146 -6.83 2.25 0.32
N LEU A 147 -6.38 1.50 -0.69
CA LEU A 147 -4.95 1.44 -0.95
C LEU A 147 -4.42 2.79 -1.42
N LYS A 148 -5.23 3.53 -2.17
CA LYS A 148 -4.80 4.84 -2.64
C LYS A 148 -4.75 5.85 -1.51
N ILE A 149 -5.66 5.68 -0.55
CA ILE A 149 -5.66 6.49 0.65
C ILE A 149 -4.40 6.24 1.45
N ALA A 150 -4.09 4.96 1.60
CA ALA A 150 -2.90 4.53 2.30
C ALA A 150 -1.65 5.09 1.64
N ALA A 151 -1.57 4.96 0.31
CA ALA A 151 -0.41 5.48 -0.40
C ALA A 151 -0.19 6.95 -0.07
N GLY A 152 -1.27 7.71 -0.04
CA GLY A 152 -1.16 9.14 0.19
C GLY A 152 -0.75 9.50 1.59
N ILE A 153 -1.23 8.73 2.58
CA ILE A 153 -0.80 8.94 3.96
C ILE A 153 0.69 8.65 4.11
N PHE A 154 1.13 7.50 3.61
CA PHE A 154 2.53 7.14 3.77
C PHE A 154 3.40 8.19 3.13
N LYS A 155 2.97 8.66 1.97
CA LYS A 155 3.77 9.61 1.22
C LYS A 155 3.83 10.97 1.90
N HIS A 156 2.71 11.39 2.44
CA HIS A 156 2.63 12.65 3.16
C HIS A 156 3.55 12.58 4.36
N LEU A 157 3.53 11.46 5.07
CA LEU A 157 4.39 11.30 6.24
C LEU A 157 5.81 11.50 5.76
N LYS A 158 6.15 10.88 4.63
CA LYS A 158 7.54 10.92 4.17
C LYS A 158 8.03 12.30 3.74
N GLU A 159 7.22 13.01 2.95
CA GLU A 159 7.64 14.27 2.39
C GLU A 159 7.69 15.49 3.32
N SER A 160 6.62 15.64 4.10
CA SER A 160 6.44 16.84 4.92
C SER A 160 6.66 16.68 6.42
N HIS A 161 6.77 15.44 6.88
CA HIS A 161 6.94 15.19 8.31
C HIS A 161 8.20 14.47 8.74
N LEU A 162 8.55 13.39 8.05
CA LEU A 162 9.79 12.68 8.33
C LEU A 162 11.02 13.58 8.52
N PRO A 163 11.18 14.60 7.67
CA PRO A 163 12.33 15.51 7.79
C PRO A 163 12.37 16.36 9.08
N LYS A 164 11.29 16.40 9.87
CA LYS A 164 11.31 17.13 11.15
C LYS A 164 11.98 16.34 12.27
N LEU A 165 12.17 15.05 12.07
CA LEU A 165 12.59 14.17 13.16
C LEU A 165 14.08 14.43 13.30
N ILE A 166 14.44 14.90 14.49
CA ILE A 166 15.82 15.21 14.85
C ILE A 166 16.72 13.99 15.04
N THR A 167 16.13 12.87 15.41
CA THR A 167 16.82 11.59 15.45
C THR A 167 16.35 10.79 14.22
N PRO A 168 17.27 10.50 13.28
CA PRO A 168 16.70 9.82 12.12
C PRO A 168 16.40 8.38 12.51
N ALA A 169 15.52 7.73 11.76
CA ALA A 169 15.30 6.32 11.99
C ALA A 169 16.49 5.49 11.57
N GLU A 170 16.70 4.41 12.31
CA GLU A 170 17.73 3.44 12.00
C GLU A 170 17.28 2.62 10.82
N LYS A 171 18.23 1.96 10.18
CA LYS A 171 17.93 1.29 8.93
C LYS A 171 16.91 0.22 9.30
N GLY A 172 15.95 -0.06 8.43
CA GLY A 172 15.00 -1.11 8.74
C GLY A 172 13.79 -0.68 9.54
N ARG A 173 13.84 0.50 10.15
CA ARG A 173 12.69 0.97 10.92
C ARG A 173 11.61 1.62 10.06
N ASP A 174 10.37 1.62 10.57
CA ASP A 174 9.22 2.09 9.81
C ASP A 174 9.30 3.57 9.42
N LEU A 175 9.95 4.36 10.25
CA LEU A 175 10.01 5.81 10.06
C LEU A 175 11.20 6.24 9.22
N GLU A 176 11.87 5.25 8.65
CA GLU A 176 12.98 5.50 7.76
C GLU A 176 12.44 5.81 6.36
N SER A 177 13.22 6.56 5.58
CA SER A 177 12.78 7.06 4.27
C SER A 177 12.58 5.92 3.26
N ARG A 178 13.44 4.91 3.31
CA ARG A 178 13.55 3.93 2.23
C ARG A 178 12.39 2.95 2.36
N LEU A 179 12.08 2.59 3.61
CA LEU A 179 11.11 1.55 3.92
C LEU A 179 9.73 2.08 3.59
N ILE A 180 9.50 3.32 3.99
CA ILE A 180 8.21 3.99 3.93
C ILE A 180 7.83 4.19 2.46
N GLU A 181 8.86 4.36 1.65
CA GLU A 181 8.72 4.54 0.21
C GLU A 181 8.24 3.24 -0.43
N ALA A 182 8.76 2.12 0.03
CA ALA A 182 8.31 0.82 -0.45
C ALA A 182 6.82 0.56 -0.19
N TYR A 183 6.32 1.00 0.96
CA TYR A 183 4.89 0.87 1.23
C TYR A 183 4.03 1.67 0.25
N VAL A 184 4.47 2.90 -0.05
CA VAL A 184 3.75 3.71 -1.03
C VAL A 184 3.67 2.94 -2.34
N ILE A 185 4.82 2.44 -2.80
CA ILE A 185 4.91 1.75 -4.07
C ILE A 185 4.07 0.47 -4.09
N GLN A 186 4.15 -0.30 -3.01
CA GLN A 186 3.39 -1.53 -2.92
C GLN A 186 1.89 -1.26 -3.03
N CYS A 187 1.44 -0.22 -2.35
CA CYS A 187 0.03 0.16 -2.38
C CYS A 187 -0.43 0.45 -3.78
N GLN A 188 0.39 1.18 -4.53
CA GLN A 188 0.04 1.44 -5.91
C GLN A 188 -0.08 0.16 -6.69
N ALA A 189 0.87 -0.75 -6.51
CA ALA A 189 0.85 -2.00 -7.26
C ALA A 189 -0.39 -2.80 -6.90
N GLU A 190 -0.68 -2.86 -5.60
CA GLU A 190 -1.81 -3.63 -5.11
C GLU A 190 -3.13 -3.04 -5.57
N ALA A 191 -3.23 -1.72 -5.52
CA ALA A 191 -4.43 -1.05 -5.99
C ALA A 191 -4.66 -1.27 -7.49
N GLN A 192 -3.57 -1.29 -8.24
CA GLN A 192 -3.61 -1.48 -9.69
C GLN A 192 -4.02 -2.89 -10.07
N GLU A 193 -3.76 -3.81 -9.16
CA GLU A 193 -4.26 -5.18 -9.28
C GLU A 193 -5.77 -5.20 -9.41
N VAL A 194 -6.46 -4.40 -8.60
CA VAL A 194 -7.92 -4.36 -8.64
C VAL A 194 -8.41 -3.82 -9.97
N THR A 195 -7.75 -2.77 -10.45
CA THR A 195 -8.05 -2.17 -11.75
C THR A 195 -7.96 -3.16 -12.89
N ILE A 196 -6.88 -3.95 -12.89
CA ILE A 196 -6.65 -4.94 -13.94
C ILE A 196 -7.78 -5.94 -13.97
N ALA A 197 -8.19 -6.40 -12.80
CA ALA A 197 -9.27 -7.36 -12.70
C ALA A 197 -10.55 -6.81 -13.29
N ARG A 198 -10.84 -5.54 -13.03
CA ARG A 198 -12.04 -4.96 -13.63
C ARG A 198 -11.91 -4.86 -15.14
N ALA A 199 -10.76 -4.43 -15.63
CA ALA A 199 -10.55 -4.35 -17.07
C ALA A 199 -10.70 -5.70 -17.76
N ILE A 200 -10.14 -6.74 -17.15
CA ILE A 200 -10.29 -8.10 -17.66
C ILE A 200 -11.74 -8.58 -17.66
N GLU A 201 -12.42 -8.39 -16.53
CA GLU A 201 -13.81 -8.79 -16.38
C GLU A 201 -14.66 -8.01 -17.37
N LEU A 202 -14.29 -6.74 -17.56
CA LEU A 202 -15.01 -5.86 -18.44
C LEU A 202 -14.62 -6.01 -19.93
N LYS A 203 -13.74 -6.96 -20.24
CA LYS A 203 -13.43 -7.23 -21.64
C LYS A 203 -12.72 -6.10 -22.41
N HIS A 204 -11.83 -5.36 -21.75
CA HIS A 204 -11.05 -4.31 -22.43
C HIS A 204 -10.03 -4.84 -23.44
N ALA A 205 -9.59 -3.98 -24.36
CA ALA A 205 -8.65 -4.41 -25.39
C ALA A 205 -7.42 -4.99 -24.71
N PRO A 206 -6.84 -6.04 -25.32
CA PRO A 206 -5.67 -6.70 -24.74
C PRO A 206 -4.43 -5.81 -24.64
N GLY A 207 -4.30 -4.82 -25.51
CA GLY A 207 -3.16 -3.94 -25.43
C GLY A 207 -3.11 -3.17 -24.13
N LEU A 208 -4.28 -2.70 -23.71
CA LEU A 208 -4.39 -1.95 -22.45
C LEU A 208 -4.12 -2.84 -21.27
N ILE A 209 -4.68 -4.04 -21.30
CA ILE A 209 -4.55 -4.94 -20.17
C ILE A 209 -3.10 -5.35 -20.04
N ALA A 210 -2.48 -5.64 -21.17
CA ALA A 210 -1.10 -6.08 -21.12
C ALA A 210 -0.20 -4.99 -20.55
N ALA A 211 -0.43 -3.76 -21.01
CA ALA A 211 0.37 -2.64 -20.53
C ALA A 211 0.17 -2.35 -19.04
N LEU A 212 -1.08 -2.39 -18.58
CA LEU A 212 -1.38 -2.18 -17.17
C LEU A 212 -0.77 -3.25 -16.29
N ALA A 213 -0.83 -4.49 -16.77
CA ALA A 213 -0.24 -5.61 -16.04
C ALA A 213 1.26 -5.42 -15.91
N TYR A 214 1.90 -5.02 -17.01
CA TYR A 214 3.33 -4.81 -17.03
C TYR A 214 3.77 -3.72 -16.06
N GLU A 215 3.04 -2.60 -16.06
CA GLU A 215 3.32 -1.51 -15.13
C GLU A 215 3.12 -1.94 -13.69
N THR A 216 2.14 -2.80 -13.46
CA THR A 216 1.91 -3.33 -12.13
C THR A 216 3.10 -4.13 -11.64
N ALA A 217 3.58 -5.03 -12.49
CA ALA A 217 4.77 -5.81 -12.20
C ALA A 217 5.98 -4.92 -11.88
N ASN A 218 6.15 -3.89 -12.67
CA ASN A 218 7.24 -2.94 -12.48
C ASN A 218 7.21 -2.27 -11.12
N PHE A 219 6.02 -1.91 -10.67
CA PHE A 219 5.87 -1.31 -9.35
C PHE A 219 6.36 -2.33 -8.33
N TYR A 220 5.94 -3.58 -8.45
CA TYR A 220 6.30 -4.58 -7.47
C TYR A 220 7.81 -4.72 -7.43
N GLN A 221 8.41 -4.71 -8.62
CA GLN A 221 9.85 -4.80 -8.73
C GLN A 221 10.54 -3.64 -8.04
N LYS A 222 10.00 -2.43 -8.18
CA LYS A 222 10.63 -1.27 -7.56
C LYS A 222 10.55 -1.37 -6.04
N ALA A 223 9.40 -1.79 -5.54
CA ALA A 223 9.27 -2.04 -4.11
C ALA A 223 10.24 -3.08 -3.59
N ASP A 224 10.33 -4.20 -4.32
CA ASP A 224 11.28 -5.25 -3.99
C ASP A 224 12.69 -4.65 -3.87
N HIS A 225 13.05 -3.85 -4.88
CA HIS A 225 14.37 -3.22 -4.96
C HIS A 225 14.56 -2.18 -3.86
N THR A 226 13.55 -1.36 -3.65
CA THR A 226 13.56 -0.35 -2.59
C THR A 226 13.94 -0.93 -1.22
N LEU A 227 13.52 -2.16 -0.96
CA LEU A 227 13.78 -2.82 0.32
C LEU A 227 15.11 -3.54 0.33
N SER A 228 15.78 -3.58 -0.82
CA SER A 228 16.85 -4.54 -1.05
C SER A 228 18.12 -4.17 -0.26
N SER A 229 18.20 -2.94 0.22
CA SER A 229 19.35 -2.53 1.02
C SER A 229 19.19 -2.83 2.50
N LEU A 230 18.03 -3.37 2.85
CA LEU A 230 17.72 -3.81 4.21
C LEU A 230 18.41 -5.12 4.54
N GLU A 231 18.55 -5.40 5.83
CA GLU A 231 19.05 -6.69 6.26
C GLU A 231 18.09 -7.74 5.74
N PRO A 232 18.63 -8.79 5.12
CA PRO A 232 17.84 -9.84 4.48
C PRO A 232 16.96 -10.60 5.47
N ALA A 233 17.40 -10.71 6.72
CA ALA A 233 16.72 -11.52 7.72
C ALA A 233 15.22 -11.27 7.84
N TYR A 234 14.87 -10.01 8.10
CA TYR A 234 13.50 -9.56 8.34
C TYR A 234 12.75 -8.95 7.16
N SER A 235 13.44 -8.79 6.06
CA SER A 235 12.84 -8.33 4.82
C SER A 235 12.59 -9.50 3.88
N ALA A 236 13.08 -10.68 4.25
CA ALA A 236 13.13 -11.74 3.28
C ALA A 236 11.72 -12.18 2.91
N LYS A 237 10.84 -12.25 3.90
CA LYS A 237 9.49 -12.72 3.61
C LYS A 237 8.75 -11.76 2.70
N TRP A 238 8.84 -10.49 3.05
CA TRP A 238 8.15 -9.43 2.33
C TRP A 238 8.65 -9.34 0.89
N ARG A 239 9.97 -9.40 0.70
CA ARG A 239 10.53 -9.29 -0.63
C ARG A 239 10.13 -10.47 -1.49
N LYS A 240 9.94 -11.61 -0.86
CA LYS A 240 9.46 -12.78 -1.58
C LYS A 240 8.06 -12.54 -2.11
N TYR A 241 7.19 -11.99 -1.28
CA TYR A 241 5.86 -11.59 -1.75
C TYR A 241 5.94 -10.63 -2.94
N LEU A 242 6.72 -9.57 -2.80
CA LEU A 242 6.78 -8.58 -3.87
C LEU A 242 7.34 -9.18 -5.15
N HIS A 243 8.34 -10.03 -5.02
CA HIS A 243 9.02 -10.59 -6.18
C HIS A 243 8.12 -11.62 -6.86
N LEU A 244 7.41 -12.41 -6.05
CA LEU A 244 6.44 -13.37 -6.56
C LEU A 244 5.37 -12.67 -7.38
N LYS A 245 4.85 -11.58 -6.83
CA LYS A 245 3.82 -10.81 -7.50
C LYS A 245 4.38 -10.17 -8.76
N MET A 246 5.63 -9.71 -8.71
CA MET A 246 6.28 -9.15 -9.88
C MET A 246 6.37 -10.13 -11.03
N CYS A 247 6.81 -11.34 -10.74
CA CYS A 247 6.93 -12.39 -11.75
C CYS A 247 5.56 -12.80 -12.27
N PHE A 248 4.63 -12.90 -11.32
CA PHE A 248 3.26 -13.31 -11.57
C PHE A 248 2.61 -12.35 -12.59
N TYR A 249 2.70 -11.05 -12.37
CA TYR A 249 2.11 -10.06 -13.26
C TYR A 249 2.83 -9.84 -14.59
N THR A 250 4.10 -10.19 -14.63
CA THR A 250 4.82 -10.14 -15.89
C THR A 250 4.25 -11.23 -16.78
N ALA A 251 3.92 -12.36 -16.19
CA ALA A 251 3.24 -13.44 -16.91
C ALA A 251 1.92 -12.94 -17.48
N TYR A 252 1.17 -12.20 -16.67
CA TYR A 252 -0.06 -11.58 -17.13
C TYR A 252 0.21 -10.73 -18.37
N ALA A 253 1.27 -9.94 -18.31
CA ALA A 253 1.61 -9.09 -19.44
C ALA A 253 1.91 -9.88 -20.71
N TYR A 254 2.74 -10.91 -20.59
CA TYR A 254 3.10 -11.71 -21.75
C TYR A 254 1.86 -12.39 -22.32
N CYS A 255 0.95 -12.75 -21.43
CA CYS A 255 -0.24 -13.48 -21.82
C CYS A 255 -1.14 -12.60 -22.69
N TYR A 256 -1.48 -11.42 -22.19
CA TYR A 256 -2.32 -10.49 -22.95
C TYR A 256 -1.62 -9.90 -24.16
N HIS A 257 -0.30 -9.78 -24.07
CA HIS A 257 0.51 -9.34 -25.19
C HIS A 257 0.46 -10.31 -26.36
N GLY A 258 0.44 -11.59 -26.02
CA GLY A 258 0.22 -12.64 -27.00
C GLY A 258 -1.07 -12.44 -27.77
N GLU A 259 -2.16 -12.13 -27.08
CA GLU A 259 -3.40 -11.80 -27.77
C GLU A 259 -3.23 -10.68 -28.77
N THR A 260 -2.48 -9.64 -28.40
CA THR A 260 -2.28 -8.53 -29.33
C THR A 260 -1.55 -9.01 -30.57
N LEU A 261 -0.51 -9.83 -30.37
CA LEU A 261 0.27 -10.33 -31.49
C LEU A 261 -0.57 -11.25 -32.39
N LEU A 262 -1.35 -12.12 -31.76
CA LEU A 262 -2.17 -13.07 -32.50
C LEU A 262 -3.23 -12.33 -33.32
N ALA A 263 -3.79 -11.28 -32.73
CA ALA A 263 -4.79 -10.50 -33.41
C ALA A 263 -4.19 -9.79 -34.62
N SER A 264 -2.87 -9.61 -34.58
CA SER A 264 -2.16 -8.94 -35.65
C SER A 264 -1.66 -9.89 -36.75
N ASP A 265 -2.03 -11.16 -36.69
CA ASP A 265 -1.53 -12.11 -37.70
C ASP A 265 -0.02 -12.30 -37.56
N LYS A 266 0.48 -12.12 -36.34
CA LYS A 266 1.86 -12.43 -35.97
C LYS A 266 1.96 -13.68 -35.12
N CYS A 267 0.99 -14.58 -35.31
CA CYS A 267 0.79 -15.77 -34.48
C CYS A 267 2.05 -16.51 -34.02
N GLY A 268 3.06 -16.57 -34.88
CA GLY A 268 4.32 -17.21 -34.49
C GLY A 268 4.82 -16.49 -33.26
N GLU A 269 4.84 -15.16 -33.32
CA GLU A 269 5.30 -14.31 -32.22
C GLU A 269 4.41 -14.49 -31.00
N ALA A 270 3.11 -14.65 -31.26
CA ALA A 270 2.13 -14.81 -30.19
C ALA A 270 2.40 -16.07 -29.39
N ILE A 271 2.68 -17.16 -30.08
CA ILE A 271 2.98 -18.42 -29.43
C ILE A 271 4.20 -18.24 -28.54
N ARG A 272 5.23 -17.60 -29.06
CA ARG A 272 6.46 -17.37 -28.29
C ARG A 272 6.20 -16.53 -27.04
N SER A 273 5.33 -15.53 -27.18
CA SER A 273 4.93 -14.71 -26.04
C SER A 273 4.27 -15.53 -24.93
N LEU A 274 3.34 -16.39 -25.30
CA LEU A 274 2.66 -17.24 -24.33
C LEU A 274 3.61 -18.23 -23.67
N GLN A 275 4.63 -18.67 -24.41
CA GLN A 275 5.64 -19.56 -23.85
C GLN A 275 6.44 -18.86 -22.75
N GLU A 276 6.74 -17.59 -22.95
CA GLU A 276 7.38 -16.80 -21.92
C GLU A 276 6.45 -16.63 -20.72
N ALA A 277 5.16 -16.53 -21.00
CA ALA A 277 4.18 -16.39 -19.93
C ALA A 277 4.19 -17.63 -19.03
N GLU A 278 4.29 -18.81 -19.65
CA GLU A 278 4.43 -20.04 -18.89
C GLU A 278 5.65 -19.96 -17.98
N LYS A 279 6.78 -19.53 -18.54
CA LYS A 279 8.00 -19.44 -17.74
C LYS A 279 7.88 -18.50 -16.57
N LEU A 280 7.35 -17.30 -16.80
CA LEU A 280 7.26 -16.32 -15.75
C LEU A 280 6.33 -16.84 -14.67
N TYR A 281 5.28 -17.51 -15.12
CA TYR A 281 4.31 -18.07 -14.22
C TYR A 281 4.93 -19.15 -13.34
N ALA A 282 5.74 -20.00 -13.95
CA ALA A 282 6.45 -21.04 -13.22
C ALA A 282 7.42 -20.46 -12.22
N LYS A 283 8.08 -19.37 -12.58
CA LYS A 283 9.00 -18.71 -11.66
C LYS A 283 8.16 -18.24 -10.46
N ALA A 284 7.00 -17.66 -10.75
CA ALA A 284 6.10 -17.20 -9.71
C ALA A 284 5.63 -18.35 -8.85
N GLU A 285 5.40 -19.47 -9.52
CA GLU A 285 4.95 -20.71 -8.88
C GLU A 285 6.01 -21.27 -7.94
N ALA A 286 7.27 -21.00 -8.27
CA ALA A 286 8.39 -21.37 -7.42
C ALA A 286 8.56 -20.41 -6.25
N LEU A 287 8.52 -19.12 -6.56
CA LEU A 287 8.65 -18.08 -5.54
C LEU A 287 7.56 -18.13 -4.47
N CYS A 288 6.34 -18.49 -4.85
CA CYS A 288 5.23 -18.52 -3.92
C CYS A 288 5.36 -19.63 -2.87
N LYS A 289 6.16 -20.65 -3.21
CA LYS A 289 6.49 -21.76 -2.31
C LYS A 289 7.56 -21.35 -1.31
N GLU A 290 8.57 -20.63 -1.81
CA GLU A 290 9.65 -20.12 -0.98
C GLU A 290 9.09 -19.20 0.08
N TYR A 291 8.11 -18.39 -0.32
CA TYR A 291 7.50 -17.47 0.62
C TYR A 291 6.92 -18.30 1.76
N GLY A 292 6.22 -19.37 1.43
CA GLY A 292 5.60 -20.21 2.45
C GLY A 292 6.62 -20.89 3.35
N GLU A 293 7.84 -21.05 2.85
CA GLU A 293 8.93 -21.63 3.65
C GLU A 293 9.86 -20.58 4.26
N THR A 294 9.58 -19.31 4.00
CA THR A 294 10.48 -18.23 4.44
C THR A 294 9.91 -17.59 5.70
N LYS A 295 10.71 -17.56 6.77
CA LYS A 295 10.28 -16.96 8.03
C LYS A 295 10.37 -15.45 7.97
N GLY A 296 9.43 -14.80 8.63
CA GLY A 296 9.39 -13.36 8.74
C GLY A 296 8.03 -12.87 9.23
N PRO A 297 7.87 -11.54 9.33
CA PRO A 297 6.65 -10.93 9.86
C PRO A 297 5.33 -11.32 9.15
N GLY A 298 4.25 -11.39 9.92
CA GLY A 298 2.92 -11.75 9.42
C GLY A 298 2.63 -13.23 9.44
N PRO A 299 1.35 -13.61 9.35
CA PRO A 299 1.03 -15.06 9.29
C PRO A 299 1.62 -15.76 8.07
N THR A 300 1.99 -17.01 8.27
CA THR A 300 2.40 -17.94 7.22
C THR A 300 1.26 -18.23 6.23
N VAL A 301 1.57 -18.17 4.94
CA VAL A 301 0.61 -18.42 3.86
C VAL A 301 1.28 -19.21 2.74
N LYS A 302 0.51 -19.98 1.99
CA LYS A 302 1.08 -20.73 0.89
C LYS A 302 0.35 -20.51 -0.43
N PRO A 303 0.69 -19.38 -1.10
CA PRO A 303 0.04 -18.85 -2.31
C PRO A 303 0.21 -19.70 -3.57
N SER A 304 -0.90 -20.29 -4.04
CA SER A 304 -0.91 -21.15 -5.22
C SER A 304 -2.28 -21.20 -5.88
N GLY A 305 -3.22 -21.54 -5.02
CA GLY A 305 -4.63 -21.66 -5.30
C GLY A 305 -5.46 -20.40 -5.29
N HIS A 306 -4.93 -19.29 -4.78
CA HIS A 306 -5.75 -18.07 -4.70
C HIS A 306 -6.50 -18.05 -6.04
N LEU A 307 -7.77 -17.65 -6.02
CA LEU A 307 -8.55 -17.61 -7.26
C LEU A 307 -7.84 -16.79 -8.33
N PHE A 308 -6.95 -15.93 -7.87
CA PHE A 308 -6.21 -15.03 -8.73
C PHE A 308 -5.06 -15.79 -9.34
N PHE A 309 -4.43 -16.64 -8.53
CA PHE A 309 -3.23 -17.34 -8.95
C PHE A 309 -3.63 -18.36 -10.03
N ARG A 310 -4.70 -19.09 -9.79
CA ARG A 310 -5.15 -20.10 -10.74
C ARG A 310 -5.75 -19.59 -12.04
N LYS A 311 -6.42 -18.43 -12.02
CA LYS A 311 -7.01 -17.87 -13.24
C LYS A 311 -6.02 -17.53 -14.31
N LEU A 312 -4.88 -16.98 -13.92
CA LEU A 312 -3.86 -16.67 -14.88
C LEU A 312 -3.38 -18.01 -15.45
N GLY A 313 -3.22 -19.01 -14.60
CA GLY A 313 -2.82 -20.33 -15.08
C GLY A 313 -3.71 -20.89 -16.17
N ASN A 314 -5.03 -20.80 -15.99
CA ASN A 314 -5.99 -21.28 -16.99
C ASN A 314 -5.96 -20.42 -18.24
N LEU A 315 -5.88 -19.11 -18.02
CA LEU A 315 -5.78 -18.16 -19.11
C LEU A 315 -4.55 -18.42 -19.96
N VAL A 316 -3.41 -18.69 -19.33
CA VAL A 316 -2.20 -18.90 -20.11
C VAL A 316 -2.32 -20.14 -21.01
N LYS A 317 -2.77 -21.27 -20.46
CA LYS A 317 -2.92 -22.49 -21.23
C LYS A 317 -3.89 -22.35 -22.39
N ASN A 318 -5.07 -21.81 -22.09
CA ASN A 318 -6.08 -21.64 -23.11
C ASN A 318 -5.62 -20.64 -24.16
N THR A 319 -4.92 -19.60 -23.73
CA THR A 319 -4.48 -18.59 -24.68
C THR A 319 -3.36 -19.20 -25.54
N LEU A 320 -2.46 -19.93 -24.90
CA LEU A 320 -1.40 -20.62 -25.63
C LEU A 320 -1.93 -21.63 -26.65
N GLU A 321 -2.85 -22.50 -26.22
CA GLU A 321 -3.42 -23.50 -27.12
C GLU A 321 -4.13 -22.86 -28.32
N LYS A 322 -4.85 -21.78 -28.06
CA LYS A 322 -5.50 -21.03 -29.11
C LYS A 322 -4.50 -20.58 -30.16
N CYS A 323 -3.38 -20.02 -29.71
CA CYS A 323 -2.37 -19.58 -30.66
C CYS A 323 -1.85 -20.73 -31.51
N GLN A 324 -1.35 -21.78 -30.87
CA GLN A 324 -0.80 -22.88 -31.65
C GLN A 324 -1.83 -23.50 -32.60
N ARG A 325 -3.10 -23.53 -32.21
CA ARG A 325 -4.12 -24.05 -33.11
C ARG A 325 -4.29 -23.24 -34.39
N GLU A 326 -4.34 -21.92 -34.22
CA GLU A 326 -4.37 -20.98 -35.33
C GLU A 326 -3.14 -21.20 -36.18
N ASN A 327 -2.00 -21.41 -35.53
CA ASN A 327 -0.75 -21.60 -36.23
C ASN A 327 -0.76 -22.85 -37.07
N GLY A 328 -1.43 -23.89 -36.58
CA GLY A 328 -1.39 -25.16 -37.27
C GLY A 328 -2.27 -25.21 -38.50
N PHE A 329 -3.45 -24.58 -38.51
CA PHE A 329 -4.18 -24.58 -39.79
C PHE A 329 -4.19 -23.25 -40.56
N ILE A 330 -3.72 -22.15 -39.95
CA ILE A 330 -4.00 -20.82 -40.51
C ILE A 330 -2.70 -20.12 -40.90
N TYR A 331 -1.86 -19.88 -39.90
CA TYR A 331 -0.65 -19.06 -40.06
C TYR A 331 0.57 -19.82 -40.58
N PHE A 332 0.77 -21.03 -40.06
CA PHE A 332 1.92 -21.84 -40.43
C PHE A 332 3.22 -21.06 -40.21
N GLN A 333 3.27 -20.35 -39.09
CA GLN A 333 4.36 -19.43 -38.82
C GLN A 333 5.42 -20.02 -37.87
N LYS A 334 6.65 -19.59 -38.07
CA LYS A 334 7.78 -19.96 -37.23
C LYS A 334 7.68 -19.46 -35.80
N ILE A 335 8.16 -20.23 -34.82
CA ILE A 335 8.18 -19.75 -33.46
C ILE A 335 9.53 -19.09 -33.19
N PRO A 336 9.52 -17.76 -32.97
CA PRO A 336 10.75 -17.01 -32.73
C PRO A 336 11.54 -17.58 -31.54
N THR A 337 12.87 -17.44 -31.64
CA THR A 337 13.82 -17.92 -30.65
C THR A 337 13.84 -17.16 -29.31
N GLU A 338 13.83 -15.83 -29.39
CA GLU A 338 13.93 -14.96 -28.22
C GLU A 338 12.57 -14.49 -27.75
N ALA A 339 12.38 -14.35 -26.45
CA ALA A 339 11.14 -13.77 -25.94
C ALA A 339 10.99 -12.36 -26.48
N PRO A 340 9.74 -11.91 -26.67
CA PRO A 340 9.46 -10.53 -27.07
C PRO A 340 9.86 -9.57 -25.97
N GLN A 341 10.24 -8.34 -26.32
CA GLN A 341 10.52 -7.33 -25.32
C GLN A 341 9.25 -6.51 -25.04
N LEU A 342 9.09 -6.09 -23.80
CA LEU A 342 7.92 -5.35 -23.37
C LEU A 342 8.03 -3.84 -23.54
N GLU A 343 6.91 -3.25 -23.94
CA GLU A 343 6.81 -1.83 -24.25
C GLU A 343 7.44 -0.92 -23.20
N LEU A 344 6.96 -0.99 -21.96
CA LEU A 344 7.26 0.04 -20.96
C LEU A 344 6.74 1.38 -21.45
N LYS A 345 5.43 1.59 -21.37
CA LYS A 345 4.92 2.93 -21.65
C LYS A 345 5.10 3.79 -20.40
N ALA A 346 4.72 5.06 -20.49
CA ALA A 346 4.77 5.94 -19.33
C ALA A 346 3.61 5.62 -18.40
N ASN A 347 3.53 6.31 -17.26
CA ASN A 347 2.50 5.99 -16.27
C ASN A 347 1.09 6.28 -16.78
N TYR A 348 0.14 5.45 -16.36
CA TYR A 348 -1.24 5.62 -16.76
C TYR A 348 -2.05 6.42 -15.76
N GLY A 349 -1.46 6.65 -14.59
CA GLY A 349 -2.07 7.51 -13.58
C GLY A 349 -3.29 6.91 -12.89
N LEU A 350 -3.71 5.74 -13.35
CA LEU A 350 -4.85 5.05 -12.75
C LEU A 350 -4.51 4.70 -11.30
N VAL A 351 -3.22 4.75 -11.01
CA VAL A 351 -2.69 4.43 -9.69
C VAL A 351 -2.36 5.61 -8.77
N GLU A 352 -2.68 6.83 -9.19
CA GLU A 352 -2.35 8.02 -8.39
C GLU A 352 -2.90 7.98 -6.96
N PRO A 353 -1.99 8.07 -5.97
CA PRO A 353 -2.33 8.07 -4.54
C PRO A 353 -3.14 9.30 -4.17
N ILE A 354 -4.14 9.13 -3.31
CA ILE A 354 -5.00 10.24 -2.92
C ILE A 354 -4.26 11.12 -1.91
N PRO A 355 -4.10 12.42 -2.24
CA PRO A 355 -3.27 13.27 -1.37
C PRO A 355 -3.80 13.35 0.05
N PHE A 356 -2.92 13.28 1.04
CA PHE A 356 -3.35 13.33 2.43
C PHE A 356 -2.74 14.56 3.10
N GLU A 357 -3.49 15.15 4.03
CA GLU A 357 -2.95 16.11 4.98
C GLU A 357 -3.61 15.85 6.32
N PHE A 358 -2.90 16.14 7.40
CA PHE A 358 -3.51 16.01 8.71
C PHE A 358 -4.52 17.12 8.86
N PRO A 359 -5.47 16.97 9.78
CA PRO A 359 -6.44 18.04 9.99
C PRO A 359 -5.80 19.23 10.65
N PRO A 360 -6.48 20.39 10.61
CA PRO A 360 -5.95 21.59 11.28
C PRO A 360 -5.93 21.40 12.79
N THR A 361 -5.08 22.15 13.48
CA THR A 361 -5.01 22.08 14.92
C THR A 361 -6.43 22.26 15.47
N SER A 362 -6.80 21.46 16.45
CA SER A 362 -8.14 21.51 17.01
C SER A 362 -8.40 22.90 17.57
N VAL A 363 -9.63 23.37 17.43
CA VAL A 363 -9.99 24.66 17.98
C VAL A 363 -10.01 24.67 19.51
N GLN A 364 -9.92 23.49 20.13
CA GLN A 364 -9.80 23.45 21.59
C GLN A 364 -8.49 24.06 22.02
N TRP A 365 -7.52 24.10 21.13
CA TRP A 365 -6.25 24.71 21.51
C TRP A 365 -6.35 26.20 21.33
N THR A 366 -6.22 26.91 22.45
CA THR A 366 -6.23 28.36 22.49
C THR A 366 -5.00 28.78 23.29
N PRO A 367 -4.60 30.05 23.16
CA PRO A 367 -3.44 30.52 23.93
C PRO A 367 -3.68 30.40 25.44
N GLU A 368 -4.91 30.58 25.90
CA GLU A 368 -5.21 30.45 27.32
C GLU A 368 -4.98 29.03 27.82
N THR A 369 -5.47 28.06 27.05
CA THR A 369 -5.32 26.66 27.40
C THR A 369 -3.84 26.27 27.38
N LEU A 370 -3.14 26.77 26.37
CA LEU A 370 -1.72 26.49 26.20
C LEU A 370 -0.98 27.15 27.37
N ALA A 371 -1.48 28.30 27.82
CA ALA A 371 -0.84 29.07 28.89
C ALA A 371 -0.87 28.31 30.21
N ALA A 372 -1.86 27.45 30.36
CA ALA A 372 -2.05 26.66 31.57
C ALA A 372 -1.01 25.52 31.68
N PHE A 373 -0.22 25.32 30.64
CA PHE A 373 0.96 24.46 30.73
C PHE A 373 2.30 25.06 31.14
N ASP A 374 3.23 24.11 31.27
CA ASP A 374 4.60 24.28 31.73
C ASP A 374 4.51 25.08 33.02
N LEU A 375 4.98 26.32 32.98
CA LEU A 375 5.03 27.11 34.20
C LEU A 375 6.34 26.77 34.90
N THR A 376 7.11 25.89 34.25
CA THR A 376 8.45 25.55 34.69
C THR A 376 8.63 24.71 35.97
N LYS A 377 8.39 23.40 35.92
CA LYS A 377 9.08 22.47 36.81
C LYS A 377 9.82 21.41 36.01
N LYS B 87 -8.06 1.64 -36.13
CA LYS B 87 -7.91 0.63 -35.09
C LYS B 87 -8.40 1.24 -33.79
N GLU B 88 -7.49 1.85 -33.03
CA GLU B 88 -7.84 2.98 -32.17
C GLU B 88 -8.72 2.67 -30.94
N GLU B 89 -9.23 1.44 -30.84
CA GLU B 89 -10.14 1.09 -29.76
C GLU B 89 -9.52 1.27 -28.38
N GLU B 90 -8.25 0.91 -28.26
CA GLU B 90 -7.54 0.91 -26.97
C GLU B 90 -7.74 2.22 -26.20
N ASP B 91 -7.71 3.34 -26.91
CA ASP B 91 -7.86 4.66 -26.30
C ASP B 91 -9.23 4.82 -25.66
N ASP B 92 -10.27 4.50 -26.43
CA ASP B 92 -11.64 4.60 -25.96
C ASP B 92 -11.82 3.91 -24.60
N ASP B 93 -11.32 2.68 -24.50
CA ASP B 93 -11.44 1.89 -23.28
C ASP B 93 -10.75 2.56 -22.10
N MET B 94 -9.56 3.10 -22.35
CA MET B 94 -8.73 3.70 -21.30
C MET B 94 -9.55 4.63 -20.41
N LYS B 95 -10.47 5.37 -21.02
CA LYS B 95 -11.34 6.25 -20.28
C LYS B 95 -12.15 5.49 -19.22
N GLU B 96 -12.85 4.44 -19.64
CA GLU B 96 -13.73 3.72 -18.74
C GLU B 96 -13.08 3.32 -17.42
N LEU B 97 -11.78 3.04 -17.46
CA LEU B 97 -11.02 2.79 -16.24
C LEU B 97 -10.77 4.08 -15.45
N GLU B 98 -10.29 5.11 -16.13
CA GLU B 98 -10.03 6.40 -15.50
C GLU B 98 -11.24 6.88 -14.71
N ASN B 99 -12.43 6.63 -15.25
CA ASN B 99 -13.67 7.02 -14.59
C ASN B 99 -14.00 6.13 -13.41
N TRP B 100 -13.73 4.84 -13.57
CA TRP B 100 -13.95 3.90 -12.48
C TRP B 100 -13.01 4.21 -11.32
N ALA B 101 -11.76 4.50 -11.64
CA ALA B 101 -10.72 4.76 -10.63
C ALA B 101 -10.81 6.16 -10.05
N GLY B 102 -11.06 7.14 -10.91
CA GLY B 102 -11.12 8.52 -10.51
C GLY B 102 -12.41 8.91 -9.81
N SER B 103 -13.19 7.90 -9.40
CA SER B 103 -14.46 8.12 -8.71
C SER B 103 -14.25 8.45 -7.24
N MET B 104 -13.87 7.44 -6.46
CA MET B 104 -13.62 7.63 -5.03
C MET B 104 -12.26 8.28 -4.81
#